data_9IQD
#
_entry.id   9IQD
#
_cell.length_a   64.306
_cell.length_b   72.732
_cell.length_c   65.403
_cell.angle_alpha   90.000
_cell.angle_beta   112.210
_cell.angle_gamma   90.000
#
_symmetry.space_group_name_H-M   'P 1 21 1'
#
loop_
_entity.id
_entity.type
_entity.pdbx_description
1 polymer 'SnoaL-like domain-containing protein'
2 non-polymer 1,2-ETHANEDIOL
3 non-polymer DI(HYDROXYETHYL)ETHER
4 non-polymer 'CITRIC ACID'
5 non-polymer 'SODIUM ION'
6 water water
#
_entity_poly.entity_id   1
_entity_poly.type   'polypeptide(L)'
_entity_poly.pdbx_seq_one_letter_code
;MTDTSPVAAFFAACDADDLDAAADCFAPDGVWIVAAGPEPGHTYHRKEIPGFLAEIIGKRDELDAAGARMVYGDRIVVAD
REFLEFRCESATGEVLERGVDVFTLRDGKILVKDVFRKAKLAAALEHHHHHH
;
_entity_poly.pdbx_strand_id   A,B,C,D
#
loop_
_chem_comp.id
_chem_comp.type
_chem_comp.name
_chem_comp.formula
CIT non-polymer 'CITRIC ACID' 'C6 H8 O7'
EDO non-polymer 1,2-ETHANEDIOL 'C2 H6 O2'
NA non-polymer 'SODIUM ION' 'Na 1'
PEG non-polymer DI(HYDROXYETHYL)ETHER 'C4 H10 O3'
#
# COMPACT_ATOMS: atom_id res chain seq x y z
N ASP A 3 32.38 -4.45 5.73
CA ASP A 3 31.87 -5.33 4.67
C ASP A 3 31.24 -4.49 3.55
N THR A 4 31.92 -4.43 2.41
CA THR A 4 31.47 -3.63 1.27
C THR A 4 30.74 -4.47 0.23
N SER A 5 30.42 -5.72 0.53
CA SER A 5 29.74 -6.58 -0.44
C SER A 5 28.40 -5.98 -0.86
N PRO A 6 28.11 -5.90 -2.17
CA PRO A 6 26.74 -5.52 -2.59
C PRO A 6 25.72 -6.59 -2.29
N VAL A 7 26.14 -7.83 -2.04
CA VAL A 7 25.20 -8.86 -1.65
C VAL A 7 24.74 -8.62 -0.22
N ALA A 8 25.68 -8.36 0.69
CA ALA A 8 25.29 -7.95 2.03
C ALA A 8 24.41 -6.70 1.99
N ALA A 9 24.75 -5.73 1.15
CA ALA A 9 23.96 -4.50 1.09
C ALA A 9 22.55 -4.80 0.57
N PHE A 10 22.44 -5.71 -0.40
CA PHE A 10 21.15 -6.09 -0.94
C PHE A 10 20.26 -6.68 0.15
N PHE A 11 20.78 -7.63 0.91
CA PHE A 11 19.95 -8.27 1.93
C PHE A 11 19.60 -7.30 3.05
N ALA A 12 20.53 -6.41 3.41
CA ALA A 12 20.20 -5.38 4.40
C ALA A 12 19.09 -4.48 3.89
N ALA A 13 19.16 -4.08 2.61
CA ALA A 13 18.12 -3.23 2.05
C ALA A 13 16.76 -3.94 2.08
N CYS A 14 16.73 -5.22 1.73
CA CYS A 14 15.46 -5.95 1.73
C CYS A 14 14.87 -6.06 3.13
N ASP A 15 15.71 -6.36 4.13
CA ASP A 15 15.22 -6.42 5.51
C ASP A 15 14.69 -5.07 5.97
N ALA A 16 15.24 -3.97 5.46
CA ALA A 16 14.74 -2.64 5.79
C ALA A 16 13.59 -2.20 4.90
N ASP A 17 13.14 -3.06 3.98
CA ASP A 17 12.07 -2.70 3.04
C ASP A 17 12.46 -1.50 2.19
N ASP A 18 13.76 -1.31 1.95
CA ASP A 18 14.26 -0.24 1.08
C ASP A 18 14.52 -0.86 -0.29
N LEU A 19 13.45 -0.97 -1.08
CA LEU A 19 13.55 -1.71 -2.33
C LEU A 19 14.32 -0.93 -3.40
N ASP A 20 14.33 0.40 -3.32
CA ASP A 20 15.15 1.15 -4.28
C ASP A 20 16.62 0.91 -4.03
N ALA A 21 17.05 0.92 -2.76
CA ALA A 21 18.44 0.62 -2.43
C ALA A 21 18.81 -0.81 -2.82
N ALA A 22 17.87 -1.75 -2.66
CA ALA A 22 18.14 -3.13 -3.04
C ALA A 22 18.37 -3.25 -4.54
N ALA A 23 17.51 -2.63 -5.34
CA ALA A 23 17.69 -2.69 -6.79
C ALA A 23 19.01 -2.05 -7.19
N ASP A 24 19.41 -1.00 -6.48
CA ASP A 24 20.65 -0.28 -6.81
C ASP A 24 21.90 -1.09 -6.49
N CYS A 25 21.78 -2.23 -5.81
CA CYS A 25 22.93 -3.12 -5.66
C CYS A 25 23.30 -3.85 -6.93
N PHE A 26 22.44 -3.84 -7.94
CA PHE A 26 22.73 -4.47 -9.21
C PHE A 26 23.48 -3.53 -10.12
N ALA A 27 24.33 -4.11 -10.96
CA ALA A 27 25.01 -3.34 -11.99
C ALA A 27 24.00 -2.75 -12.96
N PRO A 28 24.40 -1.75 -13.74
CA PRO A 28 23.48 -1.22 -14.75
C PRO A 28 23.04 -2.27 -15.74
N ASP A 29 23.89 -3.25 -16.05
CA ASP A 29 23.56 -4.38 -16.90
C ASP A 29 23.31 -5.66 -16.10
N GLY A 30 23.02 -5.53 -14.81
CA GLY A 30 22.85 -6.70 -13.98
C GLY A 30 21.54 -7.41 -14.27
N VAL A 31 21.52 -8.70 -13.96
CA VAL A 31 20.34 -9.54 -14.17
C VAL A 31 20.11 -10.40 -12.94
N TRP A 32 18.87 -10.84 -12.81
CA TRP A 32 18.43 -11.73 -11.75
C TRP A 32 17.78 -12.92 -12.46
N ILE A 33 18.40 -14.10 -12.38
CA ILE A 33 17.94 -15.25 -13.16
C ILE A 33 17.26 -16.21 -12.19
N VAL A 34 15.92 -16.27 -12.25
CA VAL A 34 15.19 -17.14 -11.35
C VAL A 34 15.32 -18.59 -11.81
N ALA A 35 14.92 -19.53 -10.94
CA ALA A 35 15.23 -20.92 -11.19
C ALA A 35 14.36 -21.52 -12.29
N ALA A 36 13.13 -21.03 -12.44
CA ALA A 36 12.16 -21.67 -13.34
C ALA A 36 11.91 -20.80 -14.56
N GLY A 37 11.78 -21.44 -15.71
CA GLY A 37 11.48 -20.74 -16.92
C GLY A 37 12.08 -21.43 -18.12
N PRO A 38 11.89 -20.84 -19.30
CA PRO A 38 12.21 -21.58 -20.54
C PRO A 38 13.70 -21.71 -20.84
N GLU A 39 14.58 -21.05 -20.10
CA GLU A 39 15.94 -20.87 -20.61
C GLU A 39 16.85 -22.11 -20.56
N PRO A 40 16.75 -23.03 -19.57
CA PRO A 40 15.83 -23.12 -18.42
C PRO A 40 16.18 -22.06 -17.41
N GLY A 41 15.21 -21.65 -16.62
CA GLY A 41 15.29 -20.42 -15.84
C GLY A 41 14.69 -19.26 -16.59
N HIS A 42 14.68 -18.10 -15.93
CA HIS A 42 14.20 -16.87 -16.56
C HIS A 42 15.01 -15.68 -16.11
N THR A 43 15.55 -14.93 -17.08
CA THR A 43 16.39 -13.78 -16.78
C THR A 43 15.56 -12.51 -16.68
N TYR A 44 15.52 -11.92 -15.49
CA TYR A 44 14.98 -10.58 -15.28
C TYR A 44 16.09 -9.57 -15.51
N HIS A 45 15.86 -8.65 -16.44
CA HIS A 45 16.81 -7.58 -16.67
C HIS A 45 16.60 -6.46 -15.66
N ARG A 46 17.53 -5.50 -15.67
CA ARG A 46 17.57 -4.50 -14.61
C ARG A 46 16.24 -3.75 -14.47
N LYS A 47 15.62 -3.39 -15.60
CA LYS A 47 14.35 -2.66 -15.56
C LYS A 47 13.22 -3.47 -14.92
N GLU A 48 13.36 -4.79 -14.87
CA GLU A 48 12.33 -5.65 -14.31
C GLU A 48 12.56 -5.97 -12.85
N ILE A 49 13.71 -5.63 -12.30
CA ILE A 49 14.02 -6.07 -10.93
C ILE A 49 13.17 -5.31 -9.90
N PRO A 50 12.88 -4.02 -10.05
CA PRO A 50 12.01 -3.37 -9.06
C PRO A 50 10.65 -4.05 -8.92
N GLY A 51 10.01 -4.39 -10.04
CA GLY A 51 8.71 -5.04 -9.96
C GLY A 51 8.81 -6.44 -9.37
N PHE A 52 9.88 -7.15 -9.70
CA PHE A 52 10.06 -8.49 -9.16
C PHE A 52 10.31 -8.44 -7.67
N LEU A 53 11.16 -7.50 -7.22
CA LEU A 53 11.40 -7.32 -5.79
C LEU A 53 10.10 -7.05 -5.04
N ALA A 54 9.25 -6.16 -5.58
CA ALA A 54 7.98 -5.87 -4.92
C ALA A 54 7.16 -7.15 -4.75
N GLU A 55 7.13 -8.00 -5.76
CA GLU A 55 6.38 -9.24 -5.66
C GLU A 55 6.99 -10.19 -4.63
N ILE A 56 8.32 -10.35 -4.64
CA ILE A 56 8.90 -11.33 -3.74
C ILE A 56 8.90 -10.85 -2.29
N ILE A 57 8.97 -9.52 -2.06
CA ILE A 57 8.84 -9.00 -0.72
C ILE A 57 7.42 -9.19 -0.20
N GLY A 58 6.42 -8.99 -1.07
CA GLY A 58 5.06 -9.32 -0.68
C GLY A 58 4.88 -10.78 -0.32
N LYS A 59 5.50 -11.67 -1.10
CA LYS A 59 5.41 -13.09 -0.80
C LYS A 59 6.12 -13.43 0.50
N ARG A 60 7.28 -12.80 0.75
CA ARG A 60 7.98 -12.99 2.03
C ARG A 60 7.08 -12.64 3.20
N ASP A 61 6.40 -11.49 3.12
CA ASP A 61 5.56 -11.04 4.24
C ASP A 61 4.36 -11.95 4.45
N GLU A 62 3.75 -12.42 3.36
CA GLU A 62 2.64 -13.35 3.50
C GLU A 62 3.09 -14.65 4.15
N LEU A 63 4.20 -15.22 3.67
CA LEU A 63 4.68 -16.47 4.24
C LEU A 63 5.05 -16.29 5.71
N ASP A 64 5.68 -15.16 6.05
CA ASP A 64 6.00 -14.87 7.45
C ASP A 64 4.73 -14.83 8.29
N ALA A 65 3.67 -14.19 7.77
CA ALA A 65 2.42 -14.14 8.50
C ALA A 65 1.82 -15.53 8.63
N ALA A 66 2.00 -16.37 7.61
CA ALA A 66 1.55 -17.75 7.69
C ALA A 66 2.45 -18.64 8.55
N GLY A 67 3.47 -18.10 9.22
CA GLY A 67 4.29 -18.86 10.14
C GLY A 67 5.57 -19.43 9.57
N ALA A 68 5.87 -19.17 8.30
CA ALA A 68 7.08 -19.71 7.68
C ALA A 68 8.28 -18.81 7.99
N ARG A 69 9.47 -19.31 7.71
CA ARG A 69 10.68 -18.52 7.94
C ARG A 69 11.74 -18.93 6.94
N MET A 70 12.56 -17.96 6.53
CA MET A 70 13.69 -18.22 5.65
C MET A 70 14.92 -18.46 6.53
N VAL A 71 15.69 -19.49 6.20
CA VAL A 71 16.91 -19.82 6.92
C VAL A 71 18.02 -19.78 5.89
N TYR A 72 19.00 -18.91 6.11
CA TYR A 72 20.13 -18.78 5.19
C TYR A 72 21.37 -19.48 5.72
N GLY A 73 22.15 -20.06 4.83
CA GLY A 73 23.44 -20.59 5.19
C GLY A 73 24.44 -19.46 5.33
N ASP A 74 25.70 -19.82 5.43
CA ASP A 74 26.77 -18.83 5.43
C ASP A 74 26.97 -18.23 4.05
N ARG A 75 27.14 -16.91 3.99
CA ARG A 75 27.48 -16.26 2.74
C ARG A 75 28.97 -16.46 2.48
N ILE A 76 29.30 -17.16 1.40
CA ILE A 76 30.67 -17.55 1.09
C ILE A 76 31.16 -16.71 -0.09
N VAL A 77 32.33 -16.10 0.04
CA VAL A 77 32.88 -15.21 -0.98
C VAL A 77 34.22 -15.77 -1.47
N VAL A 78 34.36 -15.91 -2.79
CA VAL A 78 35.61 -16.30 -3.44
C VAL A 78 35.80 -15.42 -4.66
N ALA A 79 36.82 -14.57 -4.65
CA ALA A 79 37.07 -13.65 -5.75
C ALA A 79 35.80 -12.87 -6.06
N ASP A 80 35.34 -12.93 -7.31
CA ASP A 80 34.16 -12.19 -7.75
C ASP A 80 32.86 -12.98 -7.65
N ARG A 81 32.82 -14.07 -6.90
CA ARG A 81 31.59 -14.84 -6.72
C ARG A 81 31.21 -14.89 -5.24
N GLU A 82 29.90 -14.91 -4.97
CA GLU A 82 29.37 -15.18 -3.63
C GLU A 82 28.36 -16.31 -3.75
N PHE A 83 28.34 -17.20 -2.75
CA PHE A 83 27.43 -18.33 -2.74
C PHE A 83 26.59 -18.30 -1.47
N LEU A 84 25.29 -18.56 -1.60
CA LEU A 84 24.41 -18.47 -0.44
C LEU A 84 23.31 -19.51 -0.56
N GLU A 85 23.33 -20.52 0.33
CA GLU A 85 22.23 -21.47 0.38
C GLU A 85 21.07 -20.90 1.20
N PHE A 86 19.85 -21.36 0.88
CA PHE A 86 18.68 -20.88 1.57
C PHE A 86 17.62 -21.97 1.61
N ARG A 87 16.77 -21.89 2.63
CA ARG A 87 15.58 -22.72 2.61
C ARG A 87 14.48 -22.00 3.37
N CYS A 88 13.25 -22.18 2.90
CA CYS A 88 12.09 -21.65 3.58
C CYS A 88 11.38 -22.81 4.26
N GLU A 89 11.14 -22.69 5.56
CA GLU A 89 10.48 -23.72 6.35
C GLU A 89 9.11 -23.23 6.82
N SER A 90 8.11 -24.12 6.78
CA SER A 90 6.82 -23.78 7.36
C SER A 90 6.90 -23.84 8.89
N ALA A 91 5.78 -23.47 9.53
CA ALA A 91 5.72 -23.52 10.98
C ALA A 91 5.98 -24.90 11.54
N THR A 92 5.75 -25.95 10.76
CA THR A 92 6.00 -27.33 11.19
C THR A 92 7.43 -27.80 10.91
N GLY A 93 8.26 -26.97 10.27
CA GLY A 93 9.56 -27.40 9.81
C GLY A 93 9.58 -27.95 8.39
N GLU A 94 8.41 -28.20 7.80
CA GLU A 94 8.40 -28.70 6.42
C GLU A 94 9.09 -27.73 5.49
N VAL A 95 9.96 -28.25 4.62
CA VAL A 95 10.71 -27.37 3.73
C VAL A 95 9.83 -26.99 2.54
N LEU A 96 9.58 -25.68 2.37
CA LEU A 96 8.75 -25.16 1.29
C LEU A 96 9.57 -24.80 0.06
N GLU A 97 10.83 -24.43 0.26
CA GLU A 97 11.75 -24.18 -0.84
C GLU A 97 13.16 -24.38 -0.34
N ARG A 98 14.04 -24.86 -1.21
CA ARG A 98 15.45 -24.95 -0.85
C ARG A 98 16.27 -24.71 -2.09
N GLY A 99 17.33 -23.92 -1.96
CA GLY A 99 18.09 -23.59 -3.15
C GLY A 99 19.42 -23.00 -2.80
N VAL A 100 20.08 -22.46 -3.82
CA VAL A 100 21.33 -21.74 -3.60
C VAL A 100 21.38 -20.59 -4.59
N ASP A 101 21.82 -19.43 -4.11
CA ASP A 101 22.08 -18.26 -4.96
C ASP A 101 23.56 -18.23 -5.32
N VAL A 102 23.87 -18.02 -6.59
CA VAL A 102 25.25 -17.82 -7.03
C VAL A 102 25.32 -16.41 -7.58
N PHE A 103 26.11 -15.56 -6.93
CA PHE A 103 26.25 -14.19 -7.37
C PHE A 103 27.55 -14.04 -8.13
N THR A 104 27.51 -13.25 -9.20
CA THR A 104 28.71 -12.80 -9.90
C THR A 104 28.74 -11.30 -9.75
N LEU A 105 29.86 -10.77 -9.27
CA LEU A 105 29.99 -9.35 -8.96
C LEU A 105 30.93 -8.70 -9.97
N ARG A 106 30.73 -7.40 -10.18
CA ARG A 106 31.67 -6.60 -10.95
C ARG A 106 31.64 -5.17 -10.45
N ASP A 107 32.81 -4.61 -10.16
CA ASP A 107 32.92 -3.23 -9.69
C ASP A 107 32.00 -2.96 -8.50
N GLY A 108 31.98 -3.90 -7.55
CA GLY A 108 31.19 -3.71 -6.35
C GLY A 108 29.68 -3.74 -6.54
N LYS A 109 29.20 -4.25 -7.68
CA LYS A 109 27.76 -4.39 -7.90
C LYS A 109 27.43 -5.82 -8.32
N ILE A 110 26.15 -6.18 -8.20
CA ILE A 110 25.76 -7.53 -8.61
C ILE A 110 25.55 -7.55 -10.12
N LEU A 111 26.37 -8.34 -10.82
CA LEU A 111 26.20 -8.53 -12.26
C LEU A 111 25.19 -9.63 -12.55
N VAL A 112 25.23 -10.72 -11.77
CA VAL A 112 24.29 -11.81 -11.96
C VAL A 112 23.90 -12.33 -10.59
N LYS A 113 22.60 -12.45 -10.36
CA LYS A 113 22.07 -13.28 -9.28
C LYS A 113 21.43 -14.48 -9.96
N ASP A 114 22.04 -15.66 -9.79
CA ASP A 114 21.64 -16.87 -10.50
C ASP A 114 21.07 -17.84 -9.45
N VAL A 115 19.76 -18.12 -9.51
CA VAL A 115 19.10 -18.92 -8.48
C VAL A 115 18.91 -20.35 -8.97
N PHE A 116 19.31 -21.32 -8.14
CA PHE A 116 19.11 -22.73 -8.44
C PHE A 116 18.33 -23.39 -7.31
N ARG A 117 17.52 -24.39 -7.63
CA ARG A 117 16.63 -24.92 -6.61
C ARG A 117 16.54 -26.45 -6.62
N LYS A 118 16.16 -26.99 -5.47
CA LYS A 118 15.57 -28.33 -5.39
C LYS A 118 14.12 -28.25 -5.86
N ALA A 119 13.59 -29.40 -6.28
CA ALA A 119 12.21 -29.42 -6.76
C ALA A 119 11.50 -30.69 -6.32
N LYS A 120 10.19 -30.60 -6.19
CA LYS A 120 9.38 -31.80 -6.09
C LYS A 120 9.16 -32.42 -7.47
N LEU A 121 8.78 -33.69 -7.48
CA LEU A 121 8.33 -34.35 -8.72
C LEU A 121 6.82 -34.21 -8.91
N ASP B 3 -20.15 -21.25 -20.91
CA ASP B 3 -19.46 -20.08 -20.37
C ASP B 3 -18.19 -19.83 -21.17
N THR B 4 -18.21 -18.77 -21.98
CA THR B 4 -17.09 -18.44 -22.86
C THR B 4 -16.22 -17.31 -22.32
N SER B 5 -16.41 -16.94 -21.05
CA SER B 5 -15.63 -15.87 -20.46
C SER B 5 -14.13 -16.19 -20.50
N PRO B 6 -13.29 -15.26 -20.96
CA PRO B 6 -11.84 -15.47 -20.84
C PRO B 6 -11.35 -15.43 -19.41
N VAL B 7 -12.15 -14.88 -18.49
CA VAL B 7 -11.79 -14.89 -17.09
C VAL B 7 -11.98 -16.30 -16.52
N ALA B 8 -13.12 -16.92 -16.79
CA ALA B 8 -13.29 -18.32 -16.41
C ALA B 8 -12.19 -19.19 -17.01
N ALA B 9 -11.87 -18.97 -18.28
CA ALA B 9 -10.84 -19.78 -18.93
C ALA B 9 -9.49 -19.57 -18.25
N PHE B 10 -9.19 -18.34 -17.84
CA PHE B 10 -7.93 -18.04 -17.19
C PHE B 10 -7.79 -18.82 -15.88
N PHE B 11 -8.82 -18.80 -15.04
CA PHE B 11 -8.73 -19.52 -13.77
C PHE B 11 -8.70 -21.02 -13.99
N ALA B 12 -9.45 -21.52 -14.98
CA ALA B 12 -9.38 -22.94 -15.32
C ALA B 12 -7.96 -23.32 -15.72
N ALA B 13 -7.34 -22.51 -16.59
CA ALA B 13 -5.97 -22.79 -17.01
C ALA B 13 -5.01 -22.78 -15.82
N CYS B 14 -5.17 -21.81 -14.92
CA CYS B 14 -4.28 -21.76 -13.77
C CYS B 14 -4.48 -23.00 -12.89
N ASP B 15 -5.72 -23.44 -12.73
CA ASP B 15 -5.98 -24.62 -11.91
C ASP B 15 -5.38 -25.87 -12.54
N ALA B 16 -5.24 -25.89 -13.86
CA ALA B 16 -4.63 -27.02 -14.56
C ALA B 16 -3.12 -26.86 -14.72
N ASP B 17 -2.53 -25.79 -14.19
CA ASP B 17 -1.10 -25.51 -14.37
C ASP B 17 -0.75 -25.34 -15.85
N ASP B 18 -1.73 -24.95 -16.66
CA ASP B 18 -1.49 -24.68 -18.09
C ASP B 18 -1.25 -23.18 -18.24
N LEU B 19 -0.01 -22.77 -17.92
CA LEU B 19 0.25 -21.34 -17.91
C LEU B 19 0.27 -20.72 -19.30
N ASP B 20 0.53 -21.52 -20.34
CA ASP B 20 0.48 -20.97 -21.69
C ASP B 20 -0.95 -20.61 -22.09
N ALA B 21 -1.90 -21.50 -21.82
CA ALA B 21 -3.29 -21.19 -22.11
C ALA B 21 -3.80 -20.03 -21.25
N ALA B 22 -3.28 -19.91 -20.02
CA ALA B 22 -3.72 -18.82 -19.15
C ALA B 22 -3.26 -17.48 -19.69
N ALA B 23 -1.99 -17.38 -20.08
CA ALA B 23 -1.51 -16.16 -20.72
C ALA B 23 -2.32 -15.81 -21.96
N ASP B 24 -2.75 -16.83 -22.71
CA ASP B 24 -3.45 -16.56 -23.95
C ASP B 24 -4.87 -16.06 -23.73
N CYS B 25 -5.35 -16.03 -22.48
CA CYS B 25 -6.65 -15.41 -22.20
C CYS B 25 -6.59 -13.90 -22.26
N PHE B 26 -5.39 -13.33 -22.30
CA PHE B 26 -5.22 -11.89 -22.44
C PHE B 26 -5.21 -11.49 -23.91
N ALA B 27 -5.69 -10.28 -24.17
CA ALA B 27 -5.58 -9.69 -25.49
C ALA B 27 -4.10 -9.50 -25.84
N PRO B 28 -3.79 -9.33 -27.12
CA PRO B 28 -2.37 -9.11 -27.47
C PRO B 28 -1.83 -7.84 -26.87
N ASP B 29 -2.70 -6.86 -26.63
CA ASP B 29 -2.36 -5.63 -25.92
C ASP B 29 -2.87 -5.63 -24.48
N GLY B 30 -3.18 -6.80 -23.93
CA GLY B 30 -3.69 -6.85 -22.58
C GLY B 30 -2.62 -6.56 -21.55
N VAL B 31 -3.07 -6.13 -20.36
CA VAL B 31 -2.16 -5.83 -19.27
C VAL B 31 -2.75 -6.40 -17.98
N TRP B 32 -1.85 -6.62 -17.03
CA TRP B 32 -2.15 -7.09 -15.69
C TRP B 32 -1.57 -6.05 -14.76
N ILE B 33 -2.43 -5.29 -14.09
CA ILE B 33 -1.98 -4.19 -13.24
C ILE B 33 -2.08 -4.67 -11.80
N VAL B 34 -0.92 -4.99 -11.18
CA VAL B 34 -0.92 -5.42 -9.79
C VAL B 34 -1.17 -4.24 -8.87
N ALA B 35 -1.50 -4.56 -7.61
CA ALA B 35 -1.97 -3.55 -6.68
C ALA B 35 -0.86 -2.56 -6.31
N ALA B 36 0.38 -3.02 -6.17
CA ALA B 36 1.46 -2.19 -5.62
C ALA B 36 2.46 -1.78 -6.70
N GLY B 37 2.93 -0.52 -6.62
CA GLY B 37 3.90 -0.04 -7.58
C GLY B 37 3.83 1.48 -7.68
N PRO B 38 4.65 2.07 -8.56
CA PRO B 38 4.75 3.53 -8.59
C PRO B 38 3.60 4.25 -9.25
N GLU B 39 2.60 3.57 -9.81
CA GLU B 39 1.70 4.27 -10.71
C GLU B 39 0.64 5.14 -10.02
N PRO B 40 0.07 4.77 -8.84
CA PRO B 40 0.30 3.60 -7.99
C PRO B 40 -0.20 2.33 -8.64
N GLY B 41 0.40 1.21 -8.24
CA GLY B 41 0.25 -0.04 -8.95
C GLY B 41 1.36 -0.19 -9.96
N HIS B 42 1.38 -1.35 -10.62
CA HIS B 42 2.37 -1.59 -11.64
C HIS B 42 1.75 -2.38 -12.78
N THR B 43 1.91 -1.88 -14.00
CA THR B 43 1.33 -2.51 -15.18
C THR B 43 2.32 -3.50 -15.79
N TYR B 44 1.94 -4.79 -15.82
CA TYR B 44 2.67 -5.79 -16.61
C TYR B 44 2.08 -5.85 -18.01
N HIS B 45 2.93 -5.72 -19.03
CA HIS B 45 2.45 -5.87 -20.39
C HIS B 45 2.44 -7.35 -20.78
N ARG B 46 1.83 -7.63 -21.93
CA ARG B 46 1.54 -9.01 -22.32
C ARG B 46 2.79 -9.86 -22.33
N LYS B 47 3.93 -9.29 -22.77
CA LYS B 47 5.16 -10.07 -22.86
C LYS B 47 5.67 -10.48 -21.50
N GLU B 48 5.32 -9.73 -20.46
CA GLU B 48 5.77 -9.98 -19.10
C GLU B 48 4.84 -10.88 -18.31
N ILE B 49 3.66 -11.17 -18.84
CA ILE B 49 2.65 -11.90 -18.07
C ILE B 49 3.08 -13.35 -17.86
N PRO B 50 3.67 -14.05 -18.85
CA PRO B 50 4.14 -15.41 -18.56
C PRO B 50 5.09 -15.50 -17.38
N GLY B 51 6.07 -14.60 -17.26
CA GLY B 51 6.99 -14.67 -16.14
C GLY B 51 6.32 -14.35 -14.82
N PHE B 52 5.39 -13.39 -14.82
CA PHE B 52 4.68 -13.08 -13.59
C PHE B 52 3.76 -14.22 -13.16
N LEU B 53 3.03 -14.79 -14.12
CA LEU B 53 2.19 -15.95 -13.83
C LEU B 53 2.99 -17.07 -13.18
N ALA B 54 4.19 -17.34 -13.70
CA ALA B 54 5.05 -18.37 -13.11
C ALA B 54 5.38 -18.05 -11.65
N GLU B 55 5.68 -16.79 -11.35
CA GLU B 55 5.97 -16.43 -9.97
C GLU B 55 4.72 -16.57 -9.08
N ILE B 56 3.56 -16.15 -9.59
CA ILE B 56 2.32 -16.21 -8.80
C ILE B 56 1.92 -17.65 -8.51
N ILE B 57 2.10 -18.55 -9.47
CA ILE B 57 1.74 -19.95 -9.26
C ILE B 57 2.73 -20.61 -8.30
N GLY B 58 4.01 -20.26 -8.41
CA GLY B 58 4.97 -20.68 -7.40
C GLY B 58 4.55 -20.26 -6.00
N LYS B 59 4.15 -18.99 -5.85
CA LYS B 59 3.68 -18.48 -4.57
C LYS B 59 2.44 -19.24 -4.09
N ARG B 60 1.48 -19.46 -4.99
CA ARG B 60 0.28 -20.23 -4.63
C ARG B 60 0.65 -21.59 -4.06
N ASP B 61 1.60 -22.28 -4.71
CA ASP B 61 1.98 -23.62 -4.27
C ASP B 61 2.67 -23.61 -2.91
N GLU B 62 3.56 -22.64 -2.66
CA GLU B 62 4.20 -22.54 -1.36
C GLU B 62 3.17 -22.25 -0.27
N LEU B 63 2.29 -21.28 -0.53
CA LEU B 63 1.26 -20.98 0.47
C LEU B 63 0.39 -22.19 0.74
N ASP B 64 0.02 -22.92 -0.31
CA ASP B 64 -0.80 -24.12 -0.11
C ASP B 64 -0.08 -25.14 0.76
N ALA B 65 1.21 -25.36 0.49
CA ALA B 65 1.97 -26.29 1.32
C ALA B 65 2.07 -25.81 2.76
N ALA B 66 2.06 -24.49 2.98
CA ALA B 66 2.02 -23.94 4.32
C ALA B 66 0.62 -23.94 4.94
N GLY B 67 -0.38 -24.51 4.24
CA GLY B 67 -1.71 -24.67 4.80
C GLY B 67 -2.67 -23.53 4.51
N ALA B 68 -2.27 -22.56 3.70
CA ALA B 68 -3.14 -21.44 3.36
C ALA B 68 -4.06 -21.82 2.19
N ARG B 69 -5.12 -21.03 2.00
CA ARG B 69 -6.07 -21.32 0.93
C ARG B 69 -6.62 -20.02 0.38
N MET B 70 -6.88 -19.98 -0.93
CA MET B 70 -7.59 -18.85 -1.53
C MET B 70 -9.10 -19.11 -1.47
N VAL B 71 -9.86 -18.09 -1.08
CA VAL B 71 -11.32 -18.13 -1.10
C VAL B 71 -11.78 -17.04 -2.06
N TYR B 72 -12.56 -17.42 -3.07
CA TYR B 72 -13.05 -16.48 -4.08
C TYR B 72 -14.53 -16.21 -3.85
N GLY B 73 -14.93 -14.95 -4.05
CA GLY B 73 -16.33 -14.59 -4.10
C GLY B 73 -16.95 -15.04 -5.41
N ASP B 74 -18.17 -14.55 -5.66
CA ASP B 74 -18.81 -14.84 -6.94
C ASP B 74 -18.21 -13.97 -8.05
N ARG B 75 -17.97 -14.59 -9.21
CA ARG B 75 -17.56 -13.83 -10.37
C ARG B 75 -18.79 -13.13 -10.95
N ILE B 76 -18.76 -11.80 -10.99
CA ILE B 76 -19.90 -10.97 -11.41
C ILE B 76 -19.56 -10.33 -12.75
N VAL B 77 -20.44 -10.48 -13.72
CA VAL B 77 -20.22 -10.01 -15.09
C VAL B 77 -21.31 -8.99 -15.44
N VAL B 78 -20.89 -7.80 -15.87
CA VAL B 78 -21.80 -6.77 -16.39
C VAL B 78 -21.17 -6.20 -17.65
N ALA B 79 -21.83 -6.39 -18.79
CA ALA B 79 -21.30 -5.95 -20.08
C ALA B 79 -19.87 -6.45 -20.26
N ASP B 80 -18.93 -5.51 -20.43
CA ASP B 80 -17.53 -5.85 -20.71
C ASP B 80 -16.65 -5.88 -19.47
N ARG B 81 -17.24 -5.95 -18.28
CA ARG B 81 -16.47 -5.97 -17.05
C ARG B 81 -16.80 -7.24 -16.26
N GLU B 82 -15.81 -7.77 -15.54
CA GLU B 82 -16.01 -8.82 -14.56
C GLU B 82 -15.41 -8.35 -13.24
N PHE B 83 -16.06 -8.72 -12.14
CA PHE B 83 -15.55 -8.38 -10.81
C PHE B 83 -15.42 -9.65 -9.99
N LEU B 84 -14.31 -9.77 -9.24
CA LEU B 84 -14.08 -10.98 -8.47
C LEU B 84 -13.35 -10.62 -7.19
N GLU B 85 -14.00 -10.79 -6.05
CA GLU B 85 -13.33 -10.62 -4.76
C GLU B 85 -12.58 -11.88 -4.37
N PHE B 86 -11.50 -11.69 -3.60
CA PHE B 86 -10.67 -12.82 -3.21
C PHE B 86 -10.06 -12.55 -1.85
N ARG B 87 -9.77 -13.62 -1.12
CA ARG B 87 -8.95 -13.48 0.07
C ARG B 87 -8.14 -14.76 0.24
N CYS B 88 -6.98 -14.63 0.87
CA CYS B 88 -6.15 -15.76 1.21
C CYS B 88 -6.15 -15.91 2.72
N GLU B 89 -6.47 -17.11 3.20
CA GLU B 89 -6.54 -17.37 4.64
C GLU B 89 -5.44 -18.36 5.02
N SER B 90 -4.77 -18.09 6.13
CA SER B 90 -3.76 -19.02 6.65
C SER B 90 -4.44 -20.23 7.27
N ALA B 91 -3.60 -21.20 7.65
CA ALA B 91 -4.13 -22.38 8.32
C ALA B 91 -4.84 -22.06 9.62
N THR B 92 -4.50 -20.95 10.26
CA THR B 92 -5.16 -20.54 11.49
C THR B 92 -6.27 -19.52 11.26
N GLY B 93 -6.58 -19.22 10.00
CA GLY B 93 -7.66 -18.31 9.66
C GLY B 93 -7.27 -16.86 9.52
N GLU B 94 -5.98 -16.53 9.63
CA GLU B 94 -5.57 -15.16 9.40
C GLU B 94 -5.89 -14.79 7.96
N VAL B 95 -6.48 -13.61 7.75
CA VAL B 95 -6.65 -13.12 6.38
C VAL B 95 -5.30 -12.57 5.93
N LEU B 96 -4.60 -13.34 5.08
CA LEU B 96 -3.27 -12.94 4.63
C LEU B 96 -3.33 -11.89 3.53
N GLU B 97 -4.40 -11.88 2.77
CA GLU B 97 -4.59 -10.86 1.74
C GLU B 97 -6.07 -10.82 1.42
N ARG B 98 -6.55 -9.63 1.05
CA ARG B 98 -7.93 -9.53 0.62
C ARG B 98 -8.00 -8.44 -0.43
N GLY B 99 -8.77 -8.69 -1.49
CA GLY B 99 -8.78 -7.73 -2.58
C GLY B 99 -9.94 -7.99 -3.52
N VAL B 100 -9.90 -7.30 -4.65
CA VAL B 100 -10.87 -7.52 -5.71
C VAL B 100 -10.15 -7.33 -7.04
N ASP B 101 -10.46 -8.20 -8.00
CA ASP B 101 -9.97 -8.08 -9.37
C ASP B 101 -11.07 -7.43 -10.20
N VAL B 102 -10.70 -6.42 -11.00
CA VAL B 102 -11.64 -5.76 -11.93
C VAL B 102 -11.11 -6.04 -13.32
N PHE B 103 -11.88 -6.78 -14.11
CA PHE B 103 -11.46 -7.15 -15.46
C PHE B 103 -12.21 -6.29 -16.45
N THR B 104 -11.49 -5.82 -17.47
CA THR B 104 -12.10 -5.20 -18.64
C THR B 104 -11.80 -6.11 -19.82
N LEU B 105 -12.83 -6.46 -20.57
CA LEU B 105 -12.72 -7.43 -21.65
C LEU B 105 -12.89 -6.74 -22.99
N ARG B 106 -12.25 -7.30 -24.01
CA ARG B 106 -12.50 -6.88 -25.39
C ARG B 106 -12.34 -8.07 -26.31
N ASP B 107 -13.33 -8.28 -27.19
CA ASP B 107 -13.29 -9.37 -28.18
C ASP B 107 -13.01 -10.73 -27.53
N GLY B 108 -13.68 -11.01 -26.42
CA GLY B 108 -13.53 -12.29 -25.77
C GLY B 108 -12.17 -12.54 -25.14
N LYS B 109 -11.39 -11.49 -24.92
CA LYS B 109 -10.09 -11.61 -24.28
C LYS B 109 -9.99 -10.60 -23.14
N ILE B 110 -9.06 -10.85 -22.21
CA ILE B 110 -8.85 -9.91 -21.11
C ILE B 110 -7.99 -8.76 -21.61
N LEU B 111 -8.55 -7.54 -21.55
CA LEU B 111 -7.79 -6.34 -21.90
C LEU B 111 -7.07 -5.75 -20.69
N VAL B 112 -7.74 -5.73 -19.53
CA VAL B 112 -7.13 -5.25 -18.30
C VAL B 112 -7.52 -6.21 -17.17
N LYS B 113 -6.53 -6.66 -16.41
CA LYS B 113 -6.78 -7.23 -15.09
C LYS B 113 -6.23 -6.23 -14.10
N ASP B 114 -7.10 -5.59 -13.31
CA ASP B 114 -6.75 -4.47 -12.44
C ASP B 114 -6.99 -4.94 -11.01
N VAL B 115 -5.91 -5.10 -10.23
CA VAL B 115 -6.00 -5.70 -8.89
C VAL B 115 -5.98 -4.60 -7.84
N PHE B 116 -6.94 -4.64 -6.92
CA PHE B 116 -7.02 -3.69 -5.82
C PHE B 116 -7.05 -4.45 -4.51
N ARG B 117 -6.45 -3.87 -3.47
CA ARG B 117 -6.32 -4.63 -2.23
C ARG B 117 -6.66 -3.79 -1.01
N LYS B 118 -6.97 -4.49 0.09
CA LYS B 118 -6.80 -3.95 1.43
C LYS B 118 -5.33 -3.98 1.81
N ALA B 119 -4.94 -3.11 2.74
CA ALA B 119 -3.54 -3.01 3.14
C ALA B 119 -3.46 -2.89 4.65
N LYS B 120 -2.43 -3.48 5.25
CA LYS B 120 -2.18 -3.22 6.65
C LYS B 120 -1.56 -1.85 6.82
N LEU B 121 -1.77 -1.24 7.98
CA LEU B 121 -1.11 0.04 8.26
C LEU B 121 0.41 -0.12 8.27
N ASP C 3 -30.75 9.62 -9.05
CA ASP C 3 -31.08 8.21 -8.88
C ASP C 3 -31.46 7.93 -7.44
N THR C 4 -32.41 7.02 -7.22
CA THR C 4 -32.79 6.69 -5.86
C THR C 4 -31.82 5.72 -5.19
N SER C 5 -30.86 5.18 -5.93
CA SER C 5 -29.81 4.35 -5.33
C SER C 5 -29.21 5.05 -4.11
N PRO C 6 -29.01 4.34 -2.99
CA PRO C 6 -28.37 4.98 -1.84
C PRO C 6 -26.91 5.33 -2.10
N VAL C 7 -26.27 4.71 -3.10
CA VAL C 7 -24.94 5.14 -3.50
C VAL C 7 -25.01 6.52 -4.16
N ALA C 8 -25.90 6.66 -5.14
CA ALA C 8 -26.10 7.98 -5.75
C ALA C 8 -26.49 9.01 -4.70
N ALA C 9 -27.42 8.64 -3.79
CA ALA C 9 -27.83 9.57 -2.75
C ALA C 9 -26.68 9.96 -1.85
N PHE C 10 -25.79 9.01 -1.55
CA PHE C 10 -24.65 9.31 -0.69
C PHE C 10 -23.77 10.39 -1.30
N PHE C 11 -23.36 10.20 -2.56
CA PHE C 11 -22.50 11.19 -3.18
C PHE C 11 -23.23 12.51 -3.38
N ALA C 12 -24.53 12.49 -3.67
CA ALA C 12 -25.28 13.73 -3.80
C ALA C 12 -25.32 14.48 -2.48
N ALA C 13 -25.49 13.77 -1.36
CA ALA C 13 -25.51 14.43 -0.06
C ALA C 13 -24.14 15.02 0.28
N CYS C 14 -23.06 14.32 -0.07
CA CYS C 14 -21.73 14.86 0.20
C CYS C 14 -21.48 16.13 -0.60
N ASP C 15 -21.82 16.10 -1.89
CA ASP C 15 -21.59 17.27 -2.73
C ASP C 15 -22.38 18.47 -2.23
N ALA C 16 -23.53 18.24 -1.59
CA ALA C 16 -24.34 19.30 -1.00
C ALA C 16 -23.92 19.66 0.42
N ASP C 17 -22.89 19.00 0.97
CA ASP C 17 -22.44 19.24 2.34
C ASP C 17 -23.53 18.92 3.36
N ASP C 18 -24.39 17.95 3.02
CA ASP C 18 -25.43 17.46 3.94
C ASP C 18 -24.96 16.13 4.50
N LEU C 19 -24.11 16.21 5.54
CA LEU C 19 -23.47 15.01 6.05
C LEU C 19 -24.43 14.14 6.84
N ASP C 20 -25.48 14.72 7.41
CA ASP C 20 -26.51 13.92 8.06
C ASP C 20 -27.22 13.03 7.04
N ALA C 21 -27.60 13.60 5.90
CA ALA C 21 -28.28 12.79 4.90
C ALA C 21 -27.34 11.73 4.32
N ALA C 22 -26.06 12.08 4.16
CA ALA C 22 -25.06 11.12 3.69
C ALA C 22 -24.98 9.91 4.61
N ALA C 23 -24.80 10.15 5.92
CA ALA C 23 -24.73 9.03 6.84
C ALA C 23 -26.00 8.20 6.82
N ASP C 24 -27.16 8.85 6.70
CA ASP C 24 -28.42 8.12 6.66
C ASP C 24 -28.58 7.29 5.39
N CYS C 25 -27.64 7.38 4.44
CA CYS C 25 -27.67 6.45 3.32
C CYS C 25 -27.21 5.06 3.71
N PHE C 26 -26.63 4.91 4.90
CA PHE C 26 -26.18 3.62 5.40
C PHE C 26 -27.28 2.96 6.21
N ALA C 27 -27.31 1.64 6.16
CA ALA C 27 -28.28 0.87 6.94
C ALA C 27 -27.97 1.01 8.42
N PRO C 28 -28.93 0.66 9.29
CA PRO C 28 -28.68 0.80 10.73
C PRO C 28 -27.50 -0.05 11.20
N ASP C 29 -27.21 -1.16 10.52
CA ASP C 29 -26.05 -2.00 10.76
C ASP C 29 -25.00 -1.86 9.66
N GLY C 30 -25.06 -0.80 8.86
CA GLY C 30 -24.11 -0.64 7.78
C GLY C 30 -22.71 -0.32 8.28
N VAL C 31 -21.72 -0.66 7.45
CA VAL C 31 -20.33 -0.41 7.80
C VAL C 31 -19.62 0.21 6.61
N TRP C 32 -18.55 0.94 6.91
CA TRP C 32 -17.65 1.55 5.94
C TRP C 32 -16.27 0.97 6.23
N ILE C 33 -15.76 0.13 5.34
CA ILE C 33 -14.48 -0.56 5.55
C ILE C 33 -13.43 0.13 4.70
N VAL C 34 -12.57 0.93 5.33
CA VAL C 34 -11.54 1.63 4.56
C VAL C 34 -10.45 0.64 4.14
N ALA C 35 -9.62 1.08 3.20
CA ALA C 35 -8.65 0.18 2.60
C ALA C 35 -7.59 -0.26 3.58
N ALA C 36 -7.15 0.64 4.48
CA ALA C 36 -5.96 0.45 5.30
C ALA C 36 -6.33 0.16 6.75
N GLY C 37 -5.63 -0.80 7.35
CA GLY C 37 -5.87 -1.14 8.73
C GLY C 37 -5.55 -2.60 9.02
N PRO C 38 -5.72 -3.02 10.27
CA PRO C 38 -5.20 -4.33 10.68
C PRO C 38 -6.00 -5.53 10.20
N GLU C 39 -7.14 -5.34 9.53
CA GLU C 39 -8.03 -6.47 9.30
C GLU C 39 -7.57 -7.48 8.24
N PRO C 40 -6.89 -7.08 7.13
CA PRO C 40 -6.43 -5.76 6.66
C PRO C 40 -7.61 -4.89 6.26
N GLY C 41 -7.45 -3.57 6.33
CA GLY C 41 -8.59 -2.68 6.31
C GLY C 41 -9.02 -2.33 7.72
N HIS C 42 -9.97 -1.39 7.82
CA HIS C 42 -10.57 -1.04 9.10
C HIS C 42 -12.06 -0.79 8.93
N THR C 43 -12.86 -1.42 9.78
CA THR C 43 -14.30 -1.32 9.69
C THR C 43 -14.82 -0.22 10.61
N TYR C 44 -15.47 0.78 10.02
CA TYR C 44 -16.20 1.79 10.78
C TYR C 44 -17.66 1.36 10.88
N HIS C 45 -18.14 1.20 12.10
CA HIS C 45 -19.54 0.84 12.27
C HIS C 45 -20.43 2.08 12.14
N ARG C 46 -21.73 1.85 12.04
CA ARG C 46 -22.66 2.91 11.67
C ARG C 46 -22.50 4.14 12.56
N LYS C 47 -22.36 3.92 13.85
CA LYS C 47 -22.32 5.06 14.76
C LYS C 47 -21.05 5.87 14.60
N GLU C 48 -20.00 5.27 14.06
CA GLU C 48 -18.75 5.97 13.84
C GLU C 48 -18.66 6.64 12.48
N ILE C 49 -19.61 6.40 11.59
CA ILE C 49 -19.51 6.95 10.22
C ILE C 49 -19.61 8.46 10.22
N PRO C 50 -20.51 9.09 11.00
CA PRO C 50 -20.58 10.56 10.97
C PRO C 50 -19.27 11.24 11.33
N GLY C 51 -18.56 10.72 12.33
CA GLY C 51 -17.27 11.27 12.68
C GLY C 51 -16.25 11.11 11.57
N PHE C 52 -16.19 9.91 10.98
CA PHE C 52 -15.23 9.66 9.91
C PHE C 52 -15.56 10.49 8.68
N LEU C 53 -16.85 10.58 8.33
CA LEU C 53 -17.27 11.44 7.23
C LEU C 53 -16.74 12.85 7.38
N ALA C 54 -16.86 13.43 8.58
CA ALA C 54 -16.34 14.78 8.79
C ALA C 54 -14.85 14.84 8.51
N GLU C 55 -14.12 13.79 8.90
CA GLU C 55 -12.68 13.72 8.64
C GLU C 55 -12.38 13.76 7.15
N ILE C 56 -13.06 12.92 6.36
CA ILE C 56 -12.72 12.86 4.95
C ILE C 56 -13.25 14.07 4.19
N ILE C 57 -14.33 14.70 4.64
CA ILE C 57 -14.77 15.94 4.04
C ILE C 57 -13.70 17.01 4.22
N GLY C 58 -13.09 17.06 5.40
CA GLY C 58 -12.03 18.02 5.62
C GLY C 58 -10.83 17.74 4.73
N LYS C 59 -10.53 16.46 4.52
CA LYS C 59 -9.45 16.09 3.61
C LYS C 59 -9.78 16.48 2.19
N ARG C 60 -11.02 16.22 1.74
CA ARG C 60 -11.45 16.62 0.41
C ARG C 60 -11.29 18.13 0.22
N ASP C 61 -11.73 18.90 1.20
CA ASP C 61 -11.71 20.35 1.08
C ASP C 61 -10.28 20.86 0.93
N GLU C 62 -9.34 20.30 1.70
CA GLU C 62 -7.96 20.76 1.59
C GLU C 62 -7.32 20.29 0.30
N LEU C 63 -7.58 19.05 -0.12
CA LEU C 63 -7.05 18.62 -1.43
C LEU C 63 -7.64 19.42 -2.57
N ASP C 64 -8.95 19.75 -2.49
CA ASP C 64 -9.56 20.64 -3.49
C ASP C 64 -8.85 21.99 -3.52
N ALA C 65 -8.58 22.55 -2.34
CA ALA C 65 -7.90 23.84 -2.31
C ALA C 65 -6.48 23.75 -2.84
N ALA C 66 -5.88 22.56 -2.78
CA ALA C 66 -4.54 22.34 -3.32
C ALA C 66 -4.54 22.11 -4.83
N GLY C 67 -5.72 22.06 -5.45
CA GLY C 67 -5.87 21.88 -6.87
C GLY C 67 -6.07 20.45 -7.32
N ALA C 68 -6.20 19.51 -6.40
CA ALA C 68 -6.44 18.12 -6.77
C ALA C 68 -7.91 17.92 -7.11
N ARG C 69 -8.21 16.85 -7.84
CA ARG C 69 -9.59 16.55 -8.21
C ARG C 69 -9.86 15.07 -8.12
N MET C 70 -11.10 14.72 -7.82
CA MET C 70 -11.56 13.32 -7.87
C MET C 70 -12.22 13.03 -9.20
N VAL C 71 -11.84 11.91 -9.81
CA VAL C 71 -12.43 11.46 -11.06
C VAL C 71 -13.09 10.11 -10.78
N TYR C 72 -14.41 10.03 -10.98
CA TYR C 72 -15.15 8.79 -10.72
C TYR C 72 -15.49 8.11 -12.02
N GLY C 73 -15.43 6.78 -12.02
CA GLY C 73 -16.05 6.02 -13.07
C GLY C 73 -17.57 6.09 -12.94
N ASP C 74 -18.22 5.33 -13.80
CA ASP C 74 -19.67 5.16 -13.70
C ASP C 74 -19.97 4.09 -12.66
N ARG C 75 -21.08 4.29 -11.94
CA ARG C 75 -21.57 3.26 -11.05
C ARG C 75 -22.00 2.05 -11.88
N ILE C 76 -21.44 0.89 -11.58
CA ILE C 76 -21.83 -0.36 -12.25
C ILE C 76 -22.70 -1.13 -11.28
N VAL C 77 -23.96 -1.38 -11.66
CA VAL C 77 -25.00 -1.88 -10.77
C VAL C 77 -25.36 -3.30 -11.18
N VAL C 78 -25.36 -4.23 -10.22
CA VAL C 78 -25.46 -5.65 -10.57
C VAL C 78 -25.70 -6.51 -9.34
N ALA C 79 -26.85 -7.22 -9.33
CA ALA C 79 -27.27 -7.99 -8.16
C ALA C 79 -27.60 -7.03 -7.01
N ASP C 80 -27.02 -7.26 -5.83
CA ASP C 80 -27.27 -6.41 -4.67
C ASP C 80 -26.10 -5.45 -4.38
N ARG C 81 -25.37 -5.03 -5.41
CA ARG C 81 -24.16 -4.26 -5.18
C ARG C 81 -23.93 -3.28 -6.32
N GLU C 82 -22.99 -2.36 -6.07
CA GLU C 82 -22.55 -1.40 -7.05
C GLU C 82 -21.03 -1.33 -6.94
N PHE C 83 -20.38 -1.15 -8.08
CA PHE C 83 -18.94 -1.01 -8.16
C PHE C 83 -18.63 0.38 -8.70
N LEU C 84 -17.69 1.08 -8.06
CA LEU C 84 -17.36 2.44 -8.46
C LEU C 84 -15.86 2.65 -8.38
N GLU C 85 -15.22 2.81 -9.52
CA GLU C 85 -13.80 3.16 -9.53
C GLU C 85 -13.62 4.65 -9.27
N PHE C 86 -12.48 5.00 -8.68
CA PHE C 86 -12.19 6.39 -8.36
C PHE C 86 -10.70 6.62 -8.47
N ARG C 87 -10.32 7.85 -8.81
CA ARG C 87 -8.93 8.23 -8.58
C ARG C 87 -8.91 9.69 -8.22
N CYS C 88 -7.90 10.05 -7.42
CA CYS C 88 -7.65 11.42 -7.04
C CYS C 88 -6.38 11.86 -7.76
N GLU C 89 -6.45 12.96 -8.51
CA GLU C 89 -5.33 13.47 -9.30
C GLU C 89 -4.90 14.82 -8.76
N SER C 90 -3.59 15.05 -8.70
CA SER C 90 -3.14 16.40 -8.43
C SER C 90 -3.41 17.30 -9.63
N ALA C 91 -3.17 18.60 -9.40
CA ALA C 91 -3.27 19.57 -10.49
C ALA C 91 -2.34 19.23 -11.65
N THR C 92 -1.24 18.50 -11.40
CA THR C 92 -0.32 18.12 -12.47
C THR C 92 -0.78 16.87 -13.21
N GLY C 93 -1.82 16.20 -12.73
CA GLY C 93 -2.23 14.92 -13.26
C GLY C 93 -1.66 13.74 -12.52
N GLU C 94 -0.67 13.95 -11.67
CA GLU C 94 -0.09 12.82 -10.94
C GLU C 94 -1.16 12.16 -10.07
N VAL C 95 -1.22 10.83 -10.10
CA VAL C 95 -2.28 10.12 -9.38
C VAL C 95 -1.88 10.04 -7.90
N LEU C 96 -2.74 10.59 -7.04
CA LEU C 96 -2.53 10.57 -5.60
C LEU C 96 -3.14 9.34 -4.97
N GLU C 97 -4.30 8.92 -5.49
CA GLU C 97 -5.00 7.75 -4.98
C GLU C 97 -5.73 7.09 -6.14
N ARG C 98 -5.82 5.77 -6.13
CA ARG C 98 -6.67 5.11 -7.11
C ARG C 98 -7.25 3.86 -6.47
N GLY C 99 -8.52 3.60 -6.70
CA GLY C 99 -9.12 2.46 -6.06
C GLY C 99 -10.48 2.13 -6.63
N VAL C 100 -11.23 1.32 -5.89
CA VAL C 100 -12.59 0.94 -6.29
C VAL C 100 -13.39 0.74 -5.01
N ASP C 101 -14.61 1.28 -5.01
CA ASP C 101 -15.57 1.07 -3.93
C ASP C 101 -16.48 -0.09 -4.32
N VAL C 102 -16.69 -1.04 -3.42
CA VAL C 102 -17.65 -2.12 -3.65
C VAL C 102 -18.75 -1.93 -2.62
N PHE C 103 -19.97 -1.59 -3.09
CA PHE C 103 -21.10 -1.35 -2.21
C PHE C 103 -21.98 -2.58 -2.18
N THR C 104 -22.32 -3.04 -0.99
CA THR C 104 -23.34 -4.05 -0.79
C THR C 104 -24.57 -3.35 -0.25
N LEU C 105 -25.71 -3.55 -0.89
CA LEU C 105 -26.94 -2.86 -0.54
C LEU C 105 -27.93 -3.83 0.08
N ARG C 106 -28.72 -3.32 1.01
CA ARG C 106 -29.85 -4.06 1.55
C ARG C 106 -30.99 -3.11 1.85
N ASP C 107 -32.17 -3.42 1.31
CA ASP C 107 -33.39 -2.68 1.62
C ASP C 107 -33.23 -1.18 1.39
N GLY C 108 -32.62 -0.84 0.27
CA GLY C 108 -32.49 0.56 -0.11
C GLY C 108 -31.41 1.34 0.62
N LYS C 109 -30.55 0.67 1.38
CA LYS C 109 -29.49 1.32 2.13
C LYS C 109 -28.16 0.62 1.87
N ILE C 110 -27.07 1.31 2.20
CA ILE C 110 -25.73 0.74 2.07
C ILE C 110 -25.45 -0.14 3.28
N LEU C 111 -25.28 -1.43 3.05
CA LEU C 111 -24.90 -2.35 4.12
C LEU C 111 -23.39 -2.35 4.32
N VAL C 112 -22.63 -2.34 3.22
CA VAL C 112 -21.18 -2.34 3.27
C VAL C 112 -20.67 -1.41 2.19
N LYS C 113 -19.81 -0.47 2.58
CA LYS C 113 -18.95 0.25 1.64
C LYS C 113 -17.54 -0.29 1.86
N ASP C 114 -17.03 -1.06 0.89
CA ASP C 114 -15.78 -1.80 1.03
C ASP C 114 -14.78 -1.18 0.05
N VAL C 115 -13.75 -0.52 0.58
CA VAL C 115 -12.84 0.28 -0.23
C VAL C 115 -11.55 -0.50 -0.47
N PHE C 116 -11.14 -0.59 -1.73
CA PHE C 116 -9.90 -1.25 -2.12
C PHE C 116 -9.04 -0.29 -2.92
N ARG C 117 -7.71 -0.40 -2.79
CA ARG C 117 -6.84 0.62 -3.40
C ARG C 117 -5.62 0.01 -4.09
N LYS C 118 -5.04 0.79 -4.99
CA LYS C 118 -3.66 0.59 -5.41
C LYS C 118 -2.75 1.20 -4.34
N ALA C 119 -1.52 0.72 -4.27
CA ALA C 119 -0.58 1.24 -3.28
C ALA C 119 0.76 1.49 -3.93
N LYS C 120 1.50 2.47 -3.41
CA LYS C 120 2.83 2.74 -3.92
C LYS C 120 3.87 1.72 -3.44
N LEU C 121 3.66 1.14 -2.27
CA LEU C 121 4.68 0.24 -1.71
C LEU C 121 4.18 -1.21 -1.58
N THR D 2 23.41 20.27 13.13
CA THR D 2 22.08 19.93 13.62
C THR D 2 21.94 20.28 15.11
N ASP D 3 20.98 21.16 15.43
CA ASP D 3 20.84 21.65 16.80
C ASP D 3 20.44 20.52 17.74
N THR D 4 20.87 20.63 19.01
CA THR D 4 20.54 19.58 19.97
C THR D 4 19.15 19.75 20.59
N SER D 5 18.50 20.89 20.38
CA SER D 5 17.13 21.09 20.85
C SER D 5 16.23 19.93 20.42
N PRO D 6 15.37 19.43 21.31
CA PRO D 6 14.48 18.32 20.91
C PRO D 6 13.46 18.74 19.86
N VAL D 7 13.20 20.03 19.71
CA VAL D 7 12.36 20.49 18.61
C VAL D 7 13.09 20.30 17.28
N ALA D 8 14.35 20.75 17.20
CA ALA D 8 15.13 20.51 16.00
C ALA D 8 15.27 19.01 15.74
N ALA D 9 15.53 18.23 16.79
CA ALA D 9 15.66 16.79 16.63
C ALA D 9 14.37 16.15 16.13
N PHE D 10 13.23 16.65 16.60
CA PHE D 10 11.95 16.09 16.18
C PHE D 10 11.74 16.25 14.68
N PHE D 11 11.94 17.47 14.17
CA PHE D 11 11.75 17.69 12.74
C PHE D 11 12.81 16.95 11.92
N ALA D 12 14.03 16.83 12.42
CA ALA D 12 15.05 16.06 11.72
C ALA D 12 14.62 14.61 11.58
N ALA D 13 14.11 14.01 12.65
CA ALA D 13 13.68 12.62 12.58
C ALA D 13 12.52 12.46 11.60
N CYS D 14 11.56 13.40 11.61
CA CYS D 14 10.45 13.32 10.67
C CYS D 14 10.93 13.37 9.23
N ASP D 15 11.79 14.34 8.91
CA ASP D 15 12.34 14.41 7.56
C ASP D 15 13.06 13.12 7.19
N ALA D 16 13.74 12.49 8.15
CA ALA D 16 14.43 11.23 7.92
C ALA D 16 13.51 10.01 8.00
N ASP D 17 12.22 10.20 8.28
CA ASP D 17 11.28 9.09 8.38
C ASP D 17 11.68 8.11 9.49
N ASP D 18 12.36 8.61 10.52
CA ASP D 18 12.62 7.83 11.73
C ASP D 18 11.59 8.24 12.78
N LEU D 19 10.41 7.62 12.70
CA LEU D 19 9.29 8.03 13.54
C LEU D 19 9.48 7.58 14.99
N ASP D 20 10.22 6.50 15.23
CA ASP D 20 10.58 6.15 16.61
C ASP D 20 11.47 7.23 17.22
N ALA D 21 12.46 7.72 16.47
CA ALA D 21 13.31 8.78 17.00
C ALA D 21 12.51 10.06 17.21
N ALA D 22 11.55 10.35 16.34
CA ALA D 22 10.72 11.52 16.53
C ALA D 22 9.95 11.44 17.84
N ALA D 23 9.25 10.32 18.07
CA ALA D 23 8.47 10.20 19.29
C ALA D 23 9.35 10.29 20.52
N ASP D 24 10.58 9.76 20.44
CA ASP D 24 11.45 9.83 21.60
C ASP D 24 11.97 11.23 21.90
N CYS D 25 11.65 12.22 21.06
CA CYS D 25 11.93 13.60 21.43
C CYS D 25 11.00 14.11 22.51
N PHE D 26 9.89 13.43 22.74
CA PHE D 26 8.96 13.78 23.81
C PHE D 26 9.40 13.18 25.13
N ALA D 27 9.15 13.93 26.21
CA ALA D 27 9.40 13.41 27.54
C ALA D 27 8.47 12.24 27.83
N PRO D 28 8.80 11.42 28.83
CA PRO D 28 7.94 10.25 29.11
C PRO D 28 6.53 10.65 29.49
N ASP D 29 6.36 11.83 30.07
CA ASP D 29 5.03 12.39 30.36
C ASP D 29 4.66 13.51 29.40
N GLY D 30 5.31 13.56 28.22
CA GLY D 30 5.03 14.60 27.27
C GLY D 30 3.71 14.42 26.54
N VAL D 31 3.16 15.54 26.05
CA VAL D 31 1.88 15.51 25.36
C VAL D 31 1.99 16.34 24.08
N TRP D 32 1.11 16.04 23.15
CA TRP D 32 0.95 16.73 21.87
C TRP D 32 -0.51 17.17 21.82
N ILE D 33 -0.75 18.46 21.96
CA ILE D 33 -2.11 18.98 22.03
C ILE D 33 -2.44 19.56 20.67
N VAL D 34 -3.24 18.82 19.89
CA VAL D 34 -3.62 19.33 18.59
C VAL D 34 -4.62 20.48 18.75
N ALA D 35 -4.81 21.21 17.67
CA ALA D 35 -5.57 22.45 17.75
C ALA D 35 -7.05 22.19 18.02
N ALA D 36 -7.62 21.14 17.44
CA ALA D 36 -9.07 20.92 17.46
C ALA D 36 -9.44 19.73 18.34
N GLY D 37 -10.53 19.89 19.09
CA GLY D 37 -10.96 18.87 20.01
C GLY D 37 -11.82 19.47 21.10
N PRO D 38 -12.33 18.63 22.01
CA PRO D 38 -13.31 19.11 22.98
C PRO D 38 -12.74 19.97 24.09
N GLU D 39 -11.42 20.17 24.19
CA GLU D 39 -10.88 20.76 25.41
C GLU D 39 -11.10 22.29 25.57
N PRO D 40 -11.07 23.15 24.53
CA PRO D 40 -10.84 22.94 23.09
C PRO D 40 -9.43 22.46 22.83
N GLY D 41 -9.26 21.69 21.76
CA GLY D 41 -8.03 20.98 21.50
C GLY D 41 -8.19 19.53 21.91
N HIS D 42 -7.18 18.73 21.57
CA HIS D 42 -7.14 17.36 22.04
C HIS D 42 -5.74 16.98 22.44
N THR D 43 -5.60 16.48 23.67
CA THR D 43 -4.30 16.14 24.23
C THR D 43 -4.01 14.67 23.94
N TYR D 44 -2.99 14.41 23.12
CA TYR D 44 -2.46 13.06 22.92
C TYR D 44 -1.35 12.82 23.93
N HIS D 45 -1.47 11.74 24.69
CA HIS D 45 -0.43 11.43 25.65
C HIS D 45 0.69 10.64 24.97
N ARG D 46 1.81 10.50 25.68
CA ARG D 46 3.03 9.95 25.09
C ARG D 46 2.76 8.64 24.34
N LYS D 47 1.97 7.74 24.95
CA LYS D 47 1.76 6.43 24.34
C LYS D 47 0.97 6.50 23.04
N GLU D 48 0.19 7.56 22.85
CA GLU D 48 -0.62 7.71 21.65
C GLU D 48 0.09 8.49 20.55
N ILE D 49 1.25 9.06 20.83
CA ILE D 49 1.92 9.94 19.87
C ILE D 49 2.42 9.14 18.67
N PRO D 50 2.96 7.93 18.84
CA PRO D 50 3.39 7.16 17.65
C PRO D 50 2.28 6.91 16.65
N GLY D 51 1.09 6.51 17.11
CA GLY D 51 -0.01 6.30 16.19
C GLY D 51 -0.47 7.58 15.52
N PHE D 52 -0.47 8.68 16.26
CA PHE D 52 -0.86 9.96 15.65
C PHE D 52 0.19 10.43 14.65
N LEU D 53 1.47 10.31 15.02
CA LEU D 53 2.54 10.68 14.09
C LEU D 53 2.38 9.96 12.75
N ALA D 54 2.06 8.66 12.79
CA ALA D 54 1.90 7.92 11.54
C ALA D 54 0.80 8.53 10.66
N GLU D 55 -0.29 8.98 11.28
CA GLU D 55 -1.38 9.56 10.49
C GLU D 55 -0.93 10.84 9.80
N ILE D 56 -0.38 11.79 10.57
CA ILE D 56 -0.04 13.07 9.98
C ILE D 56 1.04 12.91 8.92
N ILE D 57 1.94 11.92 9.07
CA ILE D 57 2.96 11.71 8.04
C ILE D 57 2.32 11.24 6.74
N GLY D 58 1.30 10.38 6.82
CA GLY D 58 0.56 10.01 5.62
C GLY D 58 -0.13 11.21 4.98
N LYS D 59 -0.68 12.10 5.81
CA LYS D 59 -1.27 13.32 5.28
C LYS D 59 -0.22 14.21 4.64
N ARG D 60 0.93 14.37 5.31
CA ARG D 60 2.05 15.11 4.73
C ARG D 60 2.43 14.56 3.36
N ASP D 61 2.52 13.24 3.24
CA ASP D 61 3.00 12.63 2.01
C ASP D 61 2.03 12.84 0.86
N GLU D 62 0.72 12.79 1.14
CA GLU D 62 -0.22 13.03 0.04
C GLU D 62 -0.25 14.50 -0.36
N LEU D 63 -0.21 15.41 0.62
CA LEU D 63 -0.15 16.82 0.28
C LEU D 63 1.12 17.15 -0.49
N ASP D 64 2.25 16.59 -0.04
CA ASP D 64 3.50 16.76 -0.78
C ASP D 64 3.36 16.26 -2.21
N ALA D 65 2.75 15.09 -2.38
CA ALA D 65 2.56 14.58 -3.74
C ALA D 65 1.66 15.48 -4.56
N ALA D 66 0.69 16.14 -3.92
CA ALA D 66 -0.19 17.10 -4.59
C ALA D 66 0.50 18.41 -4.92
N GLY D 67 1.76 18.58 -4.56
CA GLY D 67 2.48 19.79 -4.86
C GLY D 67 2.46 20.84 -3.77
N ALA D 68 1.81 20.55 -2.64
CA ALA D 68 1.82 21.49 -1.52
C ALA D 68 3.14 21.39 -0.77
N ARG D 69 3.45 22.45 -0.02
CA ARG D 69 4.70 22.49 0.70
C ARG D 69 4.49 23.15 2.06
N MET D 70 5.16 22.62 3.08
CA MET D 70 5.21 23.28 4.39
C MET D 70 6.29 24.33 4.39
N VAL D 71 5.95 25.51 4.89
CA VAL D 71 6.90 26.61 5.05
C VAL D 71 6.95 26.94 6.54
N TYR D 72 8.12 26.76 7.15
CA TYR D 72 8.28 26.97 8.58
C TYR D 72 9.02 28.27 8.83
N GLY D 73 8.58 29.00 9.86
CA GLY D 73 9.38 30.10 10.32
C GLY D 73 10.63 29.60 11.03
N ASP D 74 11.34 30.55 11.62
CA ASP D 74 12.49 30.21 12.43
C ASP D 74 11.99 29.80 13.82
N ARG D 75 12.69 28.84 14.42
CA ARG D 75 12.44 28.49 15.81
C ARG D 75 12.86 29.65 16.69
N ILE D 76 11.93 30.19 17.48
CA ILE D 76 12.22 31.28 18.40
C ILE D 76 12.33 30.67 19.79
N VAL D 77 13.53 30.75 20.38
CA VAL D 77 13.88 30.03 21.60
C VAL D 77 13.98 31.02 22.75
N VAL D 78 13.31 30.73 23.86
CA VAL D 78 13.31 31.59 25.06
C VAL D 78 12.73 30.90 26.27
N ALA D 79 13.41 31.04 27.41
CA ALA D 79 12.98 30.41 28.66
C ALA D 79 13.00 28.90 28.41
N ASP D 80 11.95 28.17 28.77
CA ASP D 80 11.89 26.74 28.54
C ASP D 80 11.01 26.42 27.34
N ARG D 81 11.02 27.25 26.31
CA ARG D 81 10.00 27.24 25.29
C ARG D 81 10.56 27.57 23.91
N GLU D 82 9.90 27.05 22.88
CA GLU D 82 10.19 27.43 21.51
C GLU D 82 8.88 27.72 20.82
N PHE D 83 8.89 28.73 19.95
CA PHE D 83 7.73 29.11 19.15
C PHE D 83 8.09 28.91 17.69
N LEU D 84 7.17 28.30 16.93
CA LEU D 84 7.46 27.96 15.54
C LEU D 84 6.20 28.15 14.71
N GLU D 85 6.20 29.17 13.84
CA GLU D 85 5.09 29.34 12.90
C GLU D 85 5.25 28.39 11.71
N PHE D 86 4.11 27.99 11.15
CA PHE D 86 4.10 27.07 10.03
C PHE D 86 2.94 27.42 9.12
N ARG D 87 3.10 27.14 7.84
CA ARG D 87 1.97 27.20 6.94
C ARG D 87 2.18 26.18 5.84
N CYS D 88 1.07 25.69 5.31
CA CYS D 88 1.05 24.78 4.19
C CYS D 88 0.48 25.54 2.99
N GLU D 89 1.24 25.56 1.90
CA GLU D 89 0.91 26.30 0.69
C GLU D 89 0.75 25.35 -0.48
N SER D 90 -0.24 25.62 -1.33
CA SER D 90 -0.37 24.88 -2.58
C SER D 90 0.77 25.22 -3.54
N ALA D 91 0.84 24.45 -4.63
CA ALA D 91 1.82 24.74 -5.66
C ALA D 91 1.73 26.16 -6.22
N THR D 92 0.59 26.83 -6.08
CA THR D 92 0.45 28.20 -6.57
C THR D 92 0.50 29.23 -5.44
N GLY D 93 0.82 28.81 -4.22
CA GLY D 93 0.93 29.72 -3.10
C GLY D 93 -0.35 29.99 -2.33
N GLU D 94 -1.47 29.35 -2.68
CA GLU D 94 -2.66 29.47 -1.84
C GLU D 94 -2.35 28.87 -0.47
N VAL D 95 -2.76 29.57 0.59
CA VAL D 95 -2.53 29.05 1.93
C VAL D 95 -3.62 28.03 2.26
N LEU D 96 -3.19 26.80 2.57
CA LEU D 96 -4.07 25.69 2.90
C LEU D 96 -4.27 25.58 4.41
N GLU D 97 -3.21 25.85 5.18
CA GLU D 97 -3.17 25.74 6.63
C GLU D 97 -2.21 26.79 7.18
N ARG D 98 -2.51 27.33 8.35
CA ARG D 98 -1.53 28.20 8.97
C ARG D 98 -1.69 28.14 10.49
N GLY D 99 -0.57 28.16 11.21
CA GLY D 99 -0.68 28.10 12.65
C GLY D 99 0.65 28.37 13.30
N VAL D 100 0.71 28.04 14.59
CA VAL D 100 1.96 28.19 15.35
C VAL D 100 2.03 27.05 16.36
N ASP D 101 3.23 26.49 16.53
CA ASP D 101 3.49 25.49 17.55
C ASP D 101 4.14 26.18 18.74
N VAL D 102 3.66 25.88 19.94
CA VAL D 102 4.28 26.37 21.16
C VAL D 102 4.82 25.15 21.89
N PHE D 103 6.14 25.06 22.00
CA PHE D 103 6.80 23.92 22.64
C PHE D 103 7.24 24.31 24.05
N THR D 104 6.84 23.51 25.03
CA THR D 104 7.38 23.60 26.39
C THR D 104 8.39 22.48 26.56
N LEU D 105 9.59 22.82 26.99
CA LEU D 105 10.68 21.85 27.08
C LEU D 105 11.02 21.58 28.54
N ARG D 106 11.55 20.39 28.80
CA ARG D 106 11.99 20.00 30.13
C ARG D 106 13.07 18.94 29.98
N ASP D 107 14.26 19.23 30.50
CA ASP D 107 15.37 18.27 30.53
C ASP D 107 15.67 17.73 29.12
N GLY D 108 15.73 18.62 28.14
CA GLY D 108 16.10 18.25 26.79
C GLY D 108 15.07 17.49 26.00
N LYS D 109 13.83 17.42 26.49
CA LYS D 109 12.75 16.73 25.80
C LYS D 109 11.56 17.68 25.69
N ILE D 110 10.64 17.35 24.79
CA ILE D 110 9.42 18.14 24.64
C ILE D 110 8.42 17.70 25.68
N LEU D 111 8.04 18.63 26.57
CA LEU D 111 7.01 18.35 27.55
C LEU D 111 5.63 18.59 26.98
N VAL D 112 5.47 19.65 26.20
CA VAL D 112 4.19 19.99 25.60
C VAL D 112 4.46 20.52 24.20
N LYS D 113 3.80 19.95 23.19
CA LYS D 113 3.67 20.56 21.87
C LYS D 113 2.23 21.03 21.77
N ASP D 114 2.02 22.35 21.82
CA ASP D 114 0.68 22.95 21.87
C ASP D 114 0.44 23.65 20.52
N VAL D 115 -0.49 23.13 19.73
CA VAL D 115 -0.69 23.60 18.35
C VAL D 115 -1.88 24.55 18.32
N PHE D 116 -1.68 25.73 17.74
CA PHE D 116 -2.73 26.72 17.56
C PHE D 116 -2.84 27.06 16.08
N ARG D 117 -4.05 27.36 15.62
CA ARG D 117 -4.25 27.51 14.17
C ARG D 117 -5.15 28.68 13.81
N LYS D 118 -5.00 29.12 12.56
CA LYS D 118 -6.07 29.87 11.88
C LYS D 118 -7.08 28.86 11.36
N ALA D 119 -8.32 29.31 11.16
CA ALA D 119 -9.33 28.40 10.67
C ALA D 119 -10.26 29.14 9.72
N LYS D 120 -10.74 28.43 8.71
CA LYS D 120 -11.86 28.92 7.93
C LYS D 120 -13.17 28.66 8.67
N LEU D 121 -14.18 29.47 8.36
CA LEU D 121 -15.50 29.28 8.97
C LEU D 121 -16.11 27.95 8.59
C1 EDO E . 26.20 -22.04 2.03
O1 EDO E . 25.49 -20.80 2.13
C2 EDO E . 26.76 -22.26 0.62
O2 EDO E . 27.08 -23.65 0.48
H11 EDO E . 25.54 -22.86 2.29
H12 EDO E . 27.02 -22.04 2.74
HO1 EDO E . 25.20 -20.67 3.05
H21 EDO E . 27.64 -21.64 0.46
H22 EDO E . 26.01 -21.97 -0.13
HO2 EDO E . 27.30 -23.84 -0.44
C1 EDO F . 22.34 -14.15 5.50
O1 EDO F . 21.90 -13.31 4.43
C2 EDO F . 23.76 -14.65 5.22
O2 EDO F . 24.05 -15.81 6.02
H11 EDO F . 21.66 -15.00 5.61
H12 EDO F . 22.33 -13.58 6.44
HO1 EDO F . 20.99 -13.04 4.58
H21 EDO F . 24.48 -13.86 5.44
H22 EDO F . 23.85 -14.91 4.16
HO2 EDO F . 24.95 -16.10 5.85
C1 PEG G . 17.23 -16.06 -1.95
O1 PEG G . 17.65 -14.86 -2.59
C2 PEG G . 16.07 -16.67 -2.67
O2 PEG G . 15.58 -15.75 -3.65
C3 PEG G . 15.70 -16.23 -4.98
C4 PEG G . 15.13 -15.24 -5.96
O4 PEG G . 14.36 -15.86 -6.96
H11 PEG G . 16.95 -15.85 -1.04
H12 PEG G . 17.96 -16.68 -1.93
HO1 PEG G . 18.04 -14.31 -2.07
H21 PEG G . 15.36 -16.87 -2.04
H22 PEG G . 16.35 -17.49 -3.11
H31 PEG G . 15.22 -17.07 -5.06
H32 PEG G . 16.63 -16.38 -5.19
H41 PEG G . 15.86 -14.75 -6.37
H42 PEG G . 14.56 -14.61 -5.46
HO4 PEG G . 13.94 -16.56 -6.71
C1 EDO H . 36.28 -9.84 0.00
O1 EDO H . 35.91 -11.12 0.58
C2 EDO H . 36.48 -8.78 1.09
O2 EDO H . 37.54 -9.18 1.98
H11 EDO H . 35.50 -9.50 -0.68
H12 EDO H . 37.20 -9.95 -0.56
HO1 EDO H . 35.45 -11.65 -0.09
H21 EDO H . 36.73 -7.82 0.63
H22 EDO H . 35.55 -8.65 1.66
HO2 EDO H . 37.65 -8.50 2.66
C1 EDO I . -17.49 -9.09 -5.90
O1 EDO I . -18.16 -8.16 -5.04
C2 EDO I . -17.71 -10.50 -5.36
O2 EDO I . -16.79 -11.43 -5.94
H11 EDO I . -16.42 -8.87 -5.93
H12 EDO I . -17.88 -9.01 -6.92
HO1 EDO I . -18.00 -7.26 -5.35
H21 EDO I . -18.74 -10.82 -5.59
H22 EDO I . -17.60 -10.50 -4.28
HO2 EDO I . -17.01 -12.33 -5.66
C1 PEG J . -11.49 -20.23 -8.85
O1 PEG J . -10.16 -20.46 -9.29
C2 PEG J . -12.14 -19.11 -9.60
O2 PEG J . -13.49 -18.96 -9.17
C3 PEG J . -13.99 -17.65 -9.34
C4 PEG J . -15.49 -17.65 -9.25
O4 PEG J . -15.95 -17.54 -7.91
H11 PEG J . -11.47 -20.02 -7.90
H12 PEG J . -12.01 -21.04 -8.98
HO1 PEG J . -9.98 -21.28 -9.43
H21 PEG J . -12.12 -19.30 -10.54
H22 PEG J . -11.66 -18.29 -9.42
H31 PEG J . -13.72 -17.31 -10.22
H32 PEG J . -13.62 -17.07 -8.65
H41 PEG J . -15.82 -18.48 -9.62
H42 PEG J . -15.82 -16.91 -9.77
HO4 PEG J . -16.69 -17.92 -7.77
C1 EDO K . -4.02 -12.28 -7.31
O1 EDO K . -3.57 -13.47 -7.97
C2 EDO K . -5.29 -11.72 -7.96
O2 EDO K . -6.38 -12.64 -7.76
H11 EDO K . -3.24 -11.52 -7.35
H12 EDO K . -4.22 -12.49 -6.26
HO1 EDO K . -2.78 -13.80 -7.54
H21 EDO K . -5.11 -11.59 -9.03
H22 EDO K . -5.54 -10.75 -7.53
HO2 EDO K . -7.16 -12.32 -8.24
C1 EDO L . -16.04 1.53 -12.52
O1 EDO L . -16.58 2.74 -12.02
C2 EDO L . -15.44 1.83 -13.89
O2 EDO L . -16.48 2.38 -14.72
H11 EDO L . -16.81 0.76 -12.61
H12 EDO L . -15.26 1.15 -11.85
HO1 EDO L . -17.07 2.56 -11.21
H21 EDO L . -15.06 0.92 -14.35
H22 EDO L . -14.61 2.53 -13.80
HO2 EDO L . -16.11 2.64 -15.58
C1 EDO M . -13.09 6.53 -0.75
O1 EDO M . -13.58 5.31 -1.30
C2 EDO M . -14.11 7.07 0.25
O2 EDO M . -13.69 8.34 0.75
H11 EDO M . -12.93 7.26 -1.54
H12 EDO M . -12.13 6.36 -0.24
HO1 EDO M . -12.94 4.95 -1.93
H21 EDO M . -14.22 6.36 1.08
H22 EDO M . -15.09 7.16 -0.24
HO2 EDO M . -14.34 8.68 1.37
C1 CIT N . -22.39 9.00 -8.68
O1 CIT N . -21.43 8.25 -8.39
O2 CIT N . -23.55 8.66 -8.36
C2 CIT N . -22.18 10.31 -9.42
C3 CIT N . -20.89 10.31 -10.24
O7 CIT N . -20.84 11.58 -10.94
C4 CIT N . -19.66 10.18 -9.36
C5 CIT N . -19.77 10.93 -8.04
O3 CIT N . -20.27 12.08 -7.97
O4 CIT N . -19.38 10.39 -6.99
C6 CIT N . -20.91 9.20 -11.30
O5 CIT N . -21.71 9.22 -12.28
O6 CIT N . -20.12 8.23 -11.21
H21 CIT N . -22.13 11.12 -8.69
H22 CIT N . -23.03 10.49 -10.08
HO7 CIT N . -20.84 11.42 -11.91
H41 CIT N . -18.80 10.57 -9.91
H42 CIT N . -19.48 9.13 -9.15
C1 PEG O . -10.29 16.22 -3.76
O1 PEG O . -10.36 17.02 -4.92
C2 PEG O . -9.93 14.82 -4.12
O2 PEG O . -9.29 14.20 -3.03
C3 PEG O . -10.12 14.07 -1.89
C4 PEG O . -9.73 12.84 -1.15
O4 PEG O . -9.48 11.77 -2.05
H11 PEG O . -11.15 16.23 -3.31
H12 PEG O . -9.61 16.58 -3.16
HO1 PEG O . -11.07 16.91 -5.37
H21 PEG O . -9.33 14.83 -4.89
H22 PEG O . -10.74 14.33 -4.35
H31 PEG O . -11.06 14.00 -2.17
H32 PEG O . -10.02 14.85 -1.32
H41 PEG O . -10.44 12.58 -0.55
H42 PEG O . -8.93 13.02 -0.63
HO4 PEG O . -8.78 11.33 -1.88
C1 EDO P . 5.79 -2.51 2.86
O1 EDO P . 6.84 -1.71 2.30
C2 EDO P . 5.53 -3.71 1.96
O2 EDO P . 5.38 -3.26 0.60
H11 EDO P . 4.88 -1.91 2.97
H12 EDO P . 6.08 -2.86 3.86
HO1 EDO P . 7.03 -0.97 2.89
H21 EDO P . 4.62 -4.22 2.28
H22 EDO P . 6.36 -4.41 2.03
HO2 EDO P . 5.16 -4.02 0.04
NA NA Q . -4.77 24.27 -10.03
C1 EDO R . 7.54 32.52 15.28
O1 EDO R . 6.85 33.79 15.31
C2 EDO R . 8.03 32.27 13.85
O2 EDO R . 8.42 30.90 13.69
H11 EDO R . 6.87 31.72 15.60
H12 EDO R . 8.39 32.55 15.97
HO1 EDO R . 6.54 33.96 16.20
H21 EDO R . 8.87 32.92 13.64
H22 EDO R . 7.23 32.51 13.15
HO2 EDO R . 8.62 30.73 12.76
C1 EDO S . 12.22 23.93 11.93
O1 EDO S . 13.52 23.36 12.14
C2 EDO S . 11.41 23.03 11.01
O2 EDO S . 12.12 22.82 9.78
H11 EDO S . 12.31 24.93 11.50
H12 EDO S . 11.71 24.04 12.89
HO1 EDO S . 14.02 23.91 12.77
H21 EDO S . 10.45 23.50 10.79
H22 EDO S . 11.22 22.07 11.50
HO2 EDO S . 11.64 22.19 9.23
NA NA T . 19.91 23.57 20.24
#